data_4WNZ
#
_entry.id   4WNZ
#
_cell.length_a   63.997
_cell.length_b   63.997
_cell.length_c   195.344
_cell.angle_alpha   90.00
_cell.angle_beta   90.00
_cell.angle_gamma   90.00
#
_symmetry.space_group_name_H-M   'P 41'
#
_entity_poly.entity_id   1
_entity_poly.type   'polypeptide(L)'
_entity_poly.pdbx_seq_one_letter_code
;MKAYLVGLYTLTPTHPGSGTELGVVDQPIQRERHTGFPVIWGQSLKGVLRSYLKLVEKVDEEKINKIFGPPTEKAHEQAG
LISVGDAKILFFPVRSLKGVYAYVTSPLVLNRFKRDLELAGVKNFQTEIPELTDTAIASEEITVDNKVILEEFAILIQKD
DKGILESVVKAIEQAFGNEMAEKIKGRIAIIPDDVFRDLVELSTEIVARIRINAETGTVETGGLWYEEYIPSDTLFYSLI
LVTPRAKDNDMALIKEVLGKINGKYLQIGGNETVGKGFVKVTLKEVTNNGGTHAKHHHHHH
;
_entity_poly.pdbx_strand_id   A,B
#
# COMPACT_ATOMS: atom_id res chain seq x y z
N LYS A 2 22.15 -22.28 -8.76
CA LYS A 2 20.77 -21.90 -9.06
C LYS A 2 20.26 -20.96 -7.98
N ALA A 3 19.52 -19.93 -8.38
CA ALA A 3 19.15 -18.86 -7.46
C ALA A 3 17.73 -18.35 -7.68
N TYR A 4 17.12 -17.84 -6.61
CA TYR A 4 15.80 -17.25 -6.68
C TYR A 4 15.82 -15.82 -6.20
N LEU A 5 15.06 -14.96 -6.87
CA LEU A 5 14.98 -13.55 -6.53
C LEU A 5 13.71 -13.26 -5.76
N VAL A 6 13.85 -12.83 -4.52
CA VAL A 6 12.69 -12.50 -3.70
C VAL A 6 12.44 -11.00 -3.68
N GLY A 7 11.22 -10.60 -4.00
CA GLY A 7 10.82 -9.22 -3.90
C GLY A 7 9.89 -9.03 -2.72
N LEU A 8 10.09 -7.96 -1.96
CA LEU A 8 9.24 -7.65 -0.82
C LEU A 8 8.68 -6.24 -0.96
N TYR A 9 7.40 -6.13 -1.29
CA TYR A 9 6.76 -4.84 -1.44
C TYR A 9 5.82 -4.58 -0.27
N THR A 10 6.15 -3.60 0.54
CA THR A 10 5.36 -3.32 1.75
C THR A 10 4.03 -2.66 1.39
N LEU A 11 2.95 -3.21 1.93
CA LEU A 11 1.61 -2.71 1.64
C LEU A 11 1.11 -1.83 2.78
N THR A 12 1.71 -2.00 3.95
CA THR A 12 1.38 -1.23 5.15
C THR A 12 2.68 -0.90 5.88
N PRO A 13 2.67 0.12 6.76
CA PRO A 13 3.86 0.43 7.56
C PRO A 13 4.43 -0.78 8.28
N THR A 14 5.72 -1.04 8.06
CA THR A 14 6.35 -2.28 8.53
C THR A 14 7.46 -2.02 9.55
N HIS A 15 7.44 -2.80 10.64
CA HIS A 15 8.51 -2.75 11.63
C HIS A 15 9.18 -4.11 11.79
N PRO A 16 10.32 -4.31 11.11
CA PRO A 16 11.10 -5.54 11.21
C PRO A 16 11.64 -5.77 12.61
N PRO A 28 12.98 1.17 16.86
CA PRO A 28 14.32 0.81 16.38
C PRO A 28 14.29 -0.33 15.36
N ILE A 29 14.43 0.02 14.09
CA ILE A 29 14.38 -0.93 12.99
C ILE A 29 15.76 -1.54 12.69
N GLN A 30 15.76 -2.68 11.99
CA GLN A 30 17.00 -3.37 11.65
C GLN A 30 17.74 -2.65 10.54
N ARG A 31 18.89 -2.08 10.87
CA ARG A 31 19.67 -1.31 9.90
C ARG A 31 21.09 -1.85 9.73
N GLU A 32 21.60 -1.72 8.51
CA GLU A 32 22.96 -2.13 8.18
C GLU A 32 23.99 -1.21 8.82
N ARG A 33 25.01 -1.81 9.43
CA ARG A 33 25.95 -1.11 10.30
C ARG A 33 26.66 0.07 9.63
N HIS A 34 27.25 -0.16 8.46
CA HIS A 34 28.12 0.84 7.83
C HIS A 34 27.41 1.78 6.85
N THR A 35 26.17 1.50 6.51
CA THR A 35 25.41 2.42 5.65
C THR A 35 24.30 3.15 6.39
N GLY A 36 23.56 2.44 7.23
CA GLY A 36 22.40 3.00 7.88
C GLY A 36 21.14 2.70 7.10
N PHE A 37 21.28 1.94 6.02
CA PHE A 37 20.14 1.52 5.21
C PHE A 37 19.30 0.51 5.98
N PRO A 38 17.97 0.62 5.86
CA PRO A 38 17.09 -0.40 6.45
C PRO A 38 17.32 -1.74 5.78
N VAL A 39 17.20 -2.81 6.54
CA VAL A 39 17.44 -4.14 6.02
C VAL A 39 16.63 -5.17 6.79
N ILE A 40 16.17 -6.21 6.09
CA ILE A 40 15.52 -7.34 6.76
C ILE A 40 16.48 -8.51 6.82
N TRP A 41 16.91 -8.86 8.02
CA TRP A 41 17.90 -9.92 8.19
C TRP A 41 17.34 -11.25 7.71
N GLY A 42 18.20 -12.03 7.05
CA GLY A 42 17.81 -13.31 6.48
C GLY A 42 17.17 -14.28 7.46
N GLN A 43 17.63 -14.23 8.71
CA GLN A 43 17.07 -15.07 9.76
C GLN A 43 15.58 -14.80 9.95
N SER A 44 15.22 -13.51 10.00
CA SER A 44 13.82 -13.12 10.16
C SER A 44 12.98 -13.54 8.95
N LEU A 45 13.48 -13.23 7.76
CA LEU A 45 12.77 -13.52 6.52
C LEU A 45 12.54 -15.02 6.37
N LYS A 46 13.58 -15.81 6.66
CA LYS A 46 13.49 -17.27 6.61
C LYS A 46 12.38 -17.78 7.51
N GLY A 47 12.26 -17.17 8.69
CA GLY A 47 11.22 -17.52 9.64
C GLY A 47 9.81 -17.33 9.11
N VAL A 48 9.55 -16.17 8.51
CA VAL A 48 8.20 -15.87 8.04
C VAL A 48 7.84 -16.67 6.79
N LEU A 49 8.84 -16.94 5.93
CA LEU A 49 8.64 -17.80 4.78
C LEU A 49 8.25 -19.21 5.23
N ARG A 50 8.99 -19.71 6.21
CA ARG A 50 8.74 -21.02 6.80
C ARG A 50 7.34 -21.11 7.40
N SER A 51 7.00 -20.12 8.23
CA SER A 51 5.72 -20.10 8.93
C SER A 51 4.55 -20.00 7.96
N TYR A 52 4.74 -19.27 6.87
CA TYR A 52 3.69 -19.08 5.88
C TYR A 52 3.37 -20.38 5.16
N LEU A 53 4.41 -21.16 4.88
CA LEU A 53 4.26 -22.45 4.23
C LEU A 53 3.61 -23.45 5.17
N LYS A 54 3.83 -23.26 6.46
CA LYS A 54 3.30 -24.15 7.49
C LYS A 54 1.84 -23.85 7.83
N LEU A 55 1.48 -22.57 7.81
CA LEU A 55 0.15 -22.15 8.25
C LEU A 55 -0.83 -21.97 7.11
N VAL A 56 -0.39 -21.33 6.03
CA VAL A 56 -1.30 -20.93 4.96
C VAL A 56 -1.27 -21.85 3.74
N GLU A 57 -0.08 -22.13 3.22
CA GLU A 57 0.05 -22.94 2.01
C GLU A 57 -0.06 -24.43 2.29
N LYS A 58 -0.10 -24.79 3.58
CA LYS A 58 -0.27 -26.16 4.01
C LYS A 58 0.78 -27.10 3.40
N VAL A 59 2.05 -26.77 3.61
CA VAL A 59 3.12 -27.66 3.16
C VAL A 59 3.51 -28.59 4.31
N ASP A 60 3.63 -29.88 4.00
CA ASP A 60 3.98 -30.89 4.99
C ASP A 60 5.29 -30.56 5.71
N GLU A 61 5.31 -30.79 7.02
CA GLU A 61 6.47 -30.42 7.85
C GLU A 61 7.73 -31.24 7.55
N GLU A 62 7.66 -32.11 6.55
CA GLU A 62 8.82 -32.89 6.15
C GLU A 62 9.51 -32.24 4.94
N LYS A 63 8.70 -31.69 4.04
CA LYS A 63 9.22 -30.99 2.88
C LYS A 63 9.89 -29.69 3.30
N ILE A 64 9.30 -29.04 4.31
CA ILE A 64 9.82 -27.76 4.81
C ILE A 64 11.19 -27.96 5.46
N ASN A 65 11.31 -28.99 6.29
CA ASN A 65 12.56 -29.30 6.96
C ASN A 65 13.69 -29.62 5.98
N LYS A 66 13.36 -30.35 4.92
CA LYS A 66 14.34 -30.74 3.92
C LYS A 66 14.91 -29.52 3.19
N ILE A 67 14.17 -28.40 3.26
CA ILE A 67 14.54 -27.20 2.52
C ILE A 67 15.05 -26.10 3.45
N PHE A 68 14.45 -25.96 4.62
CA PHE A 68 14.82 -24.89 5.54
C PHE A 68 15.69 -25.39 6.70
N GLY A 69 15.32 -26.53 7.27
CA GLY A 69 16.11 -27.11 8.36
C GLY A 69 15.29 -27.37 9.61
N GLY A 80 20.44 -27.44 5.90
CA GLY A 80 19.41 -26.92 5.03
C GLY A 80 19.64 -27.30 3.58
N LEU A 81 18.85 -26.69 2.69
CA LEU A 81 18.98 -26.97 1.26
C LEU A 81 19.09 -25.67 0.47
N ILE A 82 18.63 -24.58 1.07
CA ILE A 82 18.71 -23.26 0.46
C ILE A 82 19.29 -22.24 1.43
N SER A 83 19.62 -21.06 0.92
CA SER A 83 20.14 -19.98 1.75
C SER A 83 19.29 -18.72 1.58
N VAL A 84 18.75 -18.22 2.68
CA VAL A 84 17.89 -17.03 2.63
C VAL A 84 18.66 -15.79 3.06
N GLY A 85 19.06 -15.00 2.07
CA GLY A 85 19.89 -13.83 2.30
C GLY A 85 19.13 -12.65 2.89
N ASP A 86 19.87 -11.70 3.46
CA ASP A 86 19.27 -10.47 3.98
C ASP A 86 18.53 -9.72 2.88
N ALA A 87 17.40 -9.14 3.23
CA ALA A 87 16.63 -8.36 2.26
C ALA A 87 17.13 -6.91 2.26
N LYS A 88 17.81 -6.53 1.19
CA LYS A 88 18.30 -5.16 1.05
C LYS A 88 17.20 -4.28 0.48
N ILE A 89 17.42 -2.97 0.49
CA ILE A 89 16.42 -2.03 0.02
C ILE A 89 16.74 -1.57 -1.41
N LEU A 90 15.72 -1.57 -2.26
CA LEU A 90 15.90 -1.19 -3.66
C LEU A 90 15.25 0.16 -3.97
N PHE A 91 13.98 0.30 -3.62
CA PHE A 91 13.26 1.56 -3.83
C PHE A 91 12.58 2.04 -2.56
N PHE A 92 12.74 3.32 -2.28
CA PHE A 92 12.17 3.95 -1.08
C PHE A 92 11.24 5.09 -1.47
N PRO A 93 9.97 5.02 -1.03
CA PRO A 93 8.96 6.04 -1.37
C PRO A 93 9.20 7.37 -0.65
N VAL A 94 9.17 8.45 -1.41
CA VAL A 94 9.41 9.78 -0.86
C VAL A 94 8.39 10.78 -1.39
N ARG A 95 7.87 11.62 -0.50
CA ARG A 95 6.92 12.66 -0.90
C ARG A 95 7.51 13.54 -1.99
N SER A 96 6.77 13.70 -3.08
CA SER A 96 7.22 14.48 -4.22
C SER A 96 6.22 15.58 -4.55
N LEU A 97 6.72 16.73 -4.98
CA LEU A 97 5.85 17.85 -5.33
C LEU A 97 4.98 17.48 -6.53
N LYS A 98 5.62 16.91 -7.55
CA LYS A 98 4.90 16.43 -8.72
C LYS A 98 4.86 14.90 -8.74
N GLY A 99 3.67 14.33 -8.80
CA GLY A 99 3.52 12.88 -8.82
C GLY A 99 3.18 12.33 -7.44
N VAL A 100 2.97 13.24 -6.49
CA VAL A 100 2.64 12.90 -5.10
C VAL A 100 3.78 12.22 -4.36
N TYR A 101 4.30 11.14 -4.92
CA TYR A 101 5.47 10.48 -4.35
C TYR A 101 6.30 9.78 -5.41
N ALA A 102 7.58 9.63 -5.15
CA ALA A 102 8.49 8.96 -6.08
C ALA A 102 9.20 7.79 -5.41
N TYR A 103 9.53 6.78 -6.21
CA TYR A 103 10.38 5.69 -5.74
C TYR A 103 11.83 6.09 -5.96
N VAL A 104 12.53 6.40 -4.87
CA VAL A 104 13.90 6.88 -5.02
C VAL A 104 14.91 5.76 -4.79
N THR A 105 16.02 5.86 -5.50
CA THR A 105 17.13 4.93 -5.36
C THR A 105 18.42 5.69 -5.59
N SER A 106 19.54 4.98 -5.62
CA SER A 106 20.83 5.64 -5.78
C SER A 106 21.80 4.73 -6.53
N PRO A 107 22.88 5.32 -7.09
CA PRO A 107 23.93 4.52 -7.73
C PRO A 107 24.42 3.38 -6.85
N LEU A 108 24.72 3.67 -5.59
CA LEU A 108 25.15 2.66 -4.63
C LEU A 108 24.17 1.49 -4.53
N VAL A 109 22.91 1.80 -4.25
CA VAL A 109 21.86 0.79 -4.15
C VAL A 109 21.72 -0.03 -5.43
N LEU A 110 21.63 0.65 -6.56
CA LEU A 110 21.51 -0.01 -7.86
C LEU A 110 22.72 -0.89 -8.16
N ASN A 111 23.92 -0.39 -7.82
CA ASN A 111 25.14 -1.16 -8.02
C ASN A 111 25.16 -2.44 -7.19
N ARG A 112 24.68 -2.35 -5.96
CA ARG A 112 24.56 -3.53 -5.10
C ARG A 112 23.61 -4.55 -5.71
N PHE A 113 22.56 -4.04 -6.33
CA PHE A 113 21.55 -4.88 -6.98
C PHE A 113 22.16 -5.63 -8.16
N LYS A 114 22.96 -4.92 -8.95
CA LYS A 114 23.64 -5.54 -10.09
C LYS A 114 24.65 -6.58 -9.63
N ARG A 115 25.36 -6.29 -8.55
CA ARG A 115 26.36 -7.21 -8.01
C ARG A 115 25.71 -8.43 -7.38
N ASP A 116 24.52 -8.26 -6.83
CA ASP A 116 23.81 -9.38 -6.23
C ASP A 116 23.26 -10.30 -7.32
N LEU A 117 22.93 -9.73 -8.46
CA LEU A 117 22.49 -10.52 -9.61
C LEU A 117 23.64 -11.33 -10.20
N GLU A 118 24.84 -10.75 -10.18
CA GLU A 118 26.04 -11.46 -10.61
C GLU A 118 26.24 -12.71 -9.75
N LEU A 119 26.14 -12.52 -8.44
CA LEU A 119 26.24 -13.60 -7.47
C LEU A 119 25.15 -14.66 -7.71
N ALA A 120 24.07 -14.25 -8.35
CA ALA A 120 22.95 -15.14 -8.62
C ALA A 120 23.08 -15.82 -9.98
N GLY A 121 24.18 -15.53 -10.68
CA GLY A 121 24.44 -16.15 -11.96
C GLY A 121 24.30 -15.22 -13.15
N VAL A 122 23.33 -14.30 -13.06
CA VAL A 122 23.05 -13.35 -14.13
C VAL A 122 24.27 -12.46 -14.42
N THR A 127 24.57 -2.81 -17.24
CA THR A 127 24.20 -1.43 -17.57
C THR A 127 25.03 -0.44 -16.77
N GLU A 128 25.49 0.61 -17.44
CA GLU A 128 26.33 1.62 -16.80
C GLU A 128 25.48 2.66 -16.09
N ILE A 129 25.70 2.82 -14.79
CA ILE A 129 24.98 3.83 -14.02
C ILE A 129 25.97 4.83 -13.43
N PRO A 130 25.86 6.10 -13.84
CA PRO A 130 26.83 7.14 -13.49
C PRO A 130 26.88 7.46 -12.00
N GLU A 131 27.93 8.15 -11.58
CA GLU A 131 28.01 8.64 -10.21
C GLU A 131 27.38 10.02 -10.17
N LEU A 132 26.40 10.19 -9.29
CA LEU A 132 25.70 11.46 -9.19
C LEU A 132 26.25 12.26 -8.03
N THR A 133 26.40 13.57 -8.22
CA THR A 133 27.00 14.41 -7.19
C THR A 133 25.97 15.38 -6.60
N ASP A 134 25.42 16.24 -7.45
CA ASP A 134 24.40 17.18 -7.01
C ASP A 134 23.22 17.14 -7.97
N THR A 135 23.18 16.11 -8.81
CA THR A 135 22.13 15.96 -9.80
C THR A 135 21.38 14.63 -9.66
N ALA A 136 20.28 14.50 -10.39
CA ALA A 136 19.44 13.31 -10.32
C ALA A 136 18.94 12.90 -11.70
N ILE A 137 18.55 11.64 -11.82
CA ILE A 137 17.94 11.12 -13.04
C ILE A 137 16.53 10.63 -12.72
N ALA A 138 15.52 11.32 -13.25
CA ALA A 138 14.15 11.03 -12.87
C ALA A 138 13.18 10.98 -14.05
N SER A 139 12.05 10.31 -13.83
CA SER A 139 10.98 10.26 -14.82
C SER A 139 10.37 11.65 -15.01
N GLU A 140 9.80 11.88 -16.18
CA GLU A 140 9.26 13.20 -16.50
C GLU A 140 7.91 13.45 -15.84
N GLU A 141 7.44 12.50 -15.05
CA GLU A 141 6.16 12.65 -14.34
C GLU A 141 6.35 13.22 -12.94
N ILE A 142 7.59 13.25 -12.48
CA ILE A 142 7.90 13.81 -11.17
C ILE A 142 8.85 14.99 -11.29
N THR A 143 9.29 15.25 -12.51
CA THR A 143 10.17 16.38 -12.79
C THR A 143 9.37 17.64 -13.07
N VAL A 144 9.75 18.73 -12.41
CA VAL A 144 9.10 20.02 -12.62
C VAL A 144 10.14 21.11 -12.78
N ASP A 145 10.19 21.70 -13.97
CA ASP A 145 11.16 22.74 -14.30
C ASP A 145 12.60 22.27 -14.05
N ASN A 146 12.96 21.15 -14.67
CA ASN A 146 14.30 20.56 -14.56
C ASN A 146 14.72 20.22 -13.13
N LYS A 147 13.73 20.01 -12.27
CA LYS A 147 13.96 19.65 -10.88
C LYS A 147 13.02 18.56 -10.37
N VAL A 148 13.52 17.72 -9.48
CA VAL A 148 12.66 16.83 -8.72
C VAL A 148 12.68 17.30 -7.25
N ILE A 149 11.50 17.49 -6.68
CA ILE A 149 11.40 18.02 -5.33
C ILE A 149 11.01 16.92 -4.35
N LEU A 150 12.00 16.35 -3.70
CA LEU A 150 11.78 15.28 -2.73
C LEU A 150 11.79 15.84 -1.32
N GLU A 151 10.65 15.70 -0.63
CA GLU A 151 10.44 16.33 0.67
C GLU A 151 10.72 17.83 0.57
N GLU A 152 11.92 18.23 0.96
CA GLU A 152 12.32 19.63 0.84
C GLU A 152 13.51 19.80 -0.10
N PHE A 153 14.30 18.74 -0.25
CA PHE A 153 15.40 18.72 -1.21
C PHE A 153 14.94 19.10 -2.62
N ALA A 154 15.68 19.99 -3.26
CA ALA A 154 15.41 20.36 -4.65
C ALA A 154 16.59 19.98 -5.52
N ILE A 155 16.53 18.80 -6.11
CA ILE A 155 17.66 18.29 -6.87
C ILE A 155 17.53 18.58 -8.36
N LEU A 156 18.59 19.17 -8.92
CA LEU A 156 18.66 19.46 -10.34
C LEU A 156 18.72 18.14 -11.11
N ILE A 157 17.90 18.01 -12.15
CA ILE A 157 17.94 16.78 -12.93
C ILE A 157 18.87 16.91 -14.14
N GLN A 158 19.39 15.77 -14.57
CA GLN A 158 20.19 15.74 -15.78
C GLN A 158 19.54 14.83 -16.83
N LYS A 159 19.69 15.22 -18.10
CA LYS A 159 19.10 14.51 -19.23
C LYS A 159 19.40 13.01 -19.18
N ASP A 160 18.39 12.20 -19.46
CA ASP A 160 18.55 10.75 -19.42
C ASP A 160 19.16 10.22 -20.72
N ASP A 161 20.49 10.23 -20.77
CA ASP A 161 21.23 9.68 -21.90
C ASP A 161 21.71 8.28 -21.57
N LYS A 162 21.98 7.50 -22.61
CA LYS A 162 22.38 6.10 -22.50
C LYS A 162 21.25 5.27 -21.89
N GLY A 163 20.02 5.76 -22.04
CA GLY A 163 18.81 5.07 -21.62
C GLY A 163 18.85 4.39 -20.26
N ILE A 164 19.08 5.17 -19.22
CA ILE A 164 19.21 4.62 -17.87
C ILE A 164 17.91 4.14 -17.24
N LEU A 165 16.89 5.01 -17.23
CA LEU A 165 15.62 4.70 -16.58
C LEU A 165 14.88 3.51 -17.19
N GLU A 166 14.80 3.47 -18.51
CA GLU A 166 14.10 2.39 -19.19
C GLU A 166 14.81 1.06 -18.97
N SER A 167 16.09 1.12 -18.66
CA SER A 167 16.89 -0.08 -18.42
C SER A 167 16.63 -0.60 -17.02
N VAL A 168 16.41 0.30 -16.08
CA VAL A 168 16.06 -0.08 -14.71
C VAL A 168 14.67 -0.70 -14.71
N VAL A 169 13.75 -0.08 -15.46
CA VAL A 169 12.38 -0.60 -15.58
C VAL A 169 12.39 -1.99 -16.19
N LYS A 170 13.22 -2.18 -17.22
CA LYS A 170 13.40 -3.49 -17.84
C LYS A 170 13.92 -4.48 -16.81
N ALA A 171 14.90 -4.04 -16.02
CA ALA A 171 15.47 -4.87 -14.97
C ALA A 171 14.42 -5.21 -13.90
N ILE A 172 13.60 -4.23 -13.56
CA ILE A 172 12.52 -4.44 -12.59
C ILE A 172 11.51 -5.46 -13.09
N GLU A 173 11.18 -5.39 -14.37
CA GLU A 173 10.24 -6.35 -14.97
C GLU A 173 10.76 -7.79 -14.88
N GLN A 174 12.00 -8.00 -15.33
CA GLN A 174 12.63 -9.31 -15.28
C GLN A 174 12.70 -9.87 -13.86
N ALA A 175 13.07 -9.01 -12.91
CA ALA A 175 13.37 -9.44 -11.55
C ALA A 175 12.12 -9.67 -10.69
N PHE A 176 11.09 -8.86 -10.88
CA PHE A 176 9.94 -8.88 -9.98
C PHE A 176 8.62 -9.12 -10.69
N GLY A 177 8.62 -8.99 -12.01
CA GLY A 177 7.41 -9.20 -12.78
C GLY A 177 6.89 -7.91 -13.40
N ASN A 178 5.98 -8.06 -14.36
CA ASN A 178 5.44 -6.90 -15.08
C ASN A 178 4.61 -5.99 -14.19
N GLU A 179 3.94 -6.57 -13.19
CA GLU A 179 3.07 -5.82 -12.31
C GLU A 179 3.86 -4.81 -11.47
N MET A 180 5.03 -5.24 -10.99
CA MET A 180 5.88 -4.39 -10.17
C MET A 180 6.47 -3.25 -10.98
N ALA A 181 6.78 -3.51 -12.25
CA ALA A 181 7.38 -2.52 -13.13
C ALA A 181 6.43 -1.38 -13.48
N GLU A 182 5.14 -1.68 -13.59
CA GLU A 182 4.15 -0.66 -13.94
C GLU A 182 3.96 0.33 -12.81
N LYS A 183 3.94 -0.20 -11.59
CA LYS A 183 3.81 0.61 -10.39
C LYS A 183 4.94 1.64 -10.27
N ILE A 184 6.15 1.18 -10.52
CA ILE A 184 7.35 2.01 -10.31
C ILE A 184 7.62 2.94 -11.49
N LYS A 185 7.39 2.46 -12.71
CA LYS A 185 7.58 3.27 -13.91
C LYS A 185 6.79 4.57 -13.84
N GLY A 186 7.48 5.68 -14.12
CA GLY A 186 6.86 6.99 -14.06
C GLY A 186 7.13 7.73 -12.76
N ARG A 187 7.59 7.00 -11.75
CA ARG A 187 7.87 7.61 -10.45
C ARG A 187 9.29 7.34 -9.97
N ILE A 188 10.17 6.97 -10.88
CA ILE A 188 11.55 6.66 -10.49
C ILE A 188 12.41 7.91 -10.40
N ALA A 189 13.29 7.94 -9.40
CA ALA A 189 14.26 9.01 -9.27
C ALA A 189 15.57 8.46 -8.71
N ILE A 190 16.63 8.51 -9.51
CA ILE A 190 17.95 8.12 -9.04
C ILE A 190 18.68 9.34 -8.53
N ILE A 191 18.93 9.37 -7.22
CA ILE A 191 19.48 10.56 -6.57
C ILE A 191 20.84 10.25 -5.95
N PRO A 192 21.62 11.29 -5.59
CA PRO A 192 22.93 11.06 -4.96
C PRO A 192 22.87 10.18 -3.71
N ASP A 193 23.91 9.39 -3.51
CA ASP A 193 23.98 8.42 -2.41
C ASP A 193 23.75 9.06 -1.04
N ASP A 194 24.31 10.23 -0.82
CA ASP A 194 24.18 10.91 0.47
C ASP A 194 22.76 11.39 0.75
N VAL A 195 22.05 11.79 -0.29
CA VAL A 195 20.67 12.25 -0.14
C VAL A 195 19.74 11.07 0.11
N PHE A 196 19.94 9.98 -0.63
CA PHE A 196 19.17 8.75 -0.42
C PHE A 196 19.33 8.28 1.01
N ARG A 197 20.57 8.30 1.50
CA ARG A 197 20.88 7.94 2.88
C ARG A 197 20.11 8.80 3.89
N ASP A 198 20.19 10.12 3.72
CA ASP A 198 19.50 11.05 4.60
C ASP A 198 18.00 10.82 4.64
N LEU A 199 17.40 10.62 3.47
CA LEU A 199 15.97 10.38 3.37
C LEU A 199 15.59 9.06 4.03
N VAL A 200 16.41 8.04 3.82
CA VAL A 200 16.10 6.70 4.32
C VAL A 200 16.25 6.66 5.85
N GLU A 201 16.98 7.62 6.39
CA GLU A 201 17.16 7.71 7.84
C GLU A 201 16.21 8.71 8.49
N LEU A 202 15.83 9.73 7.73
CA LEU A 202 15.02 10.81 8.28
C LEU A 202 13.61 10.88 7.68
N SER A 203 13.08 9.73 7.29
CA SER A 203 11.70 9.64 6.82
C SER A 203 11.02 8.40 7.39
N THR A 204 10.66 8.47 8.67
CA THR A 204 10.08 7.37 9.44
C THR A 204 10.69 6.01 9.09
N GLU A 228 11.55 3.92 12.98
CA GLU A 228 10.22 3.57 13.48
C GLU A 228 9.52 2.57 12.55
N TYR A 229 8.98 3.07 11.43
CA TYR A 229 8.30 2.22 10.47
C TYR A 229 8.85 2.39 9.06
N ILE A 230 9.05 1.27 8.37
CA ILE A 230 9.29 1.31 6.94
C ILE A 230 7.96 1.65 6.28
N PRO A 231 7.93 2.72 5.48
CA PRO A 231 6.70 3.18 4.82
C PRO A 231 6.09 2.10 3.92
N SER A 232 4.82 2.26 3.60
CA SER A 232 4.21 1.45 2.55
C SER A 232 4.90 1.80 1.24
N ASP A 233 4.81 0.90 0.27
CA ASP A 233 5.37 1.12 -1.07
C ASP A 233 6.89 1.16 -1.04
N THR A 234 7.48 0.37 -0.15
CA THR A 234 8.93 0.19 -0.13
C THR A 234 9.27 -1.16 -0.75
N LEU A 235 10.28 -1.19 -1.61
CA LEU A 235 10.63 -2.42 -2.29
C LEU A 235 11.97 -2.97 -1.82
N PHE A 236 11.91 -4.12 -1.13
CA PHE A 236 13.11 -4.84 -0.75
C PHE A 236 13.39 -5.96 -1.73
N TYR A 237 14.63 -6.46 -1.73
CA TYR A 237 14.95 -7.66 -2.50
C TYR A 237 15.90 -8.55 -1.73
N SER A 238 15.87 -9.84 -2.03
CA SER A 238 16.71 -10.81 -1.34
C SER A 238 16.98 -12.01 -2.22
N LEU A 239 18.20 -12.55 -2.12
CA LEU A 239 18.57 -13.74 -2.87
C LEU A 239 18.31 -15.02 -2.09
N ILE A 240 17.73 -16.00 -2.77
CA ILE A 240 17.66 -17.35 -2.25
C ILE A 240 18.58 -18.23 -3.07
N LEU A 241 19.68 -18.67 -2.45
CA LEU A 241 20.67 -19.47 -3.17
C LEU A 241 20.56 -20.94 -2.78
N VAL A 242 20.57 -21.79 -3.79
CA VAL A 242 20.55 -23.24 -3.60
C VAL A 242 21.97 -23.78 -3.45
N THR A 243 22.20 -24.52 -2.37
CA THR A 243 23.52 -25.10 -2.10
C THR A 243 24.00 -25.95 -3.27
N PRO A 244 25.33 -25.94 -3.52
CA PRO A 244 25.94 -26.72 -4.60
C PRO A 244 25.72 -28.24 -4.44
N ARG A 245 25.42 -28.67 -3.23
CA ARG A 245 25.22 -30.08 -2.92
C ARG A 245 23.91 -30.64 -3.46
N ALA A 246 23.10 -29.79 -4.10
CA ALA A 246 21.76 -30.20 -4.51
C ALA A 246 21.71 -31.05 -5.78
N LYS A 247 20.88 -32.09 -5.73
CA LYS A 247 20.63 -32.95 -6.88
C LYS A 247 19.39 -32.52 -7.65
N ASP A 248 19.12 -33.23 -8.74
CA ASP A 248 17.98 -32.91 -9.59
C ASP A 248 16.64 -33.13 -8.88
N ASN A 249 16.56 -34.12 -7.99
CA ASN A 249 15.31 -34.35 -7.27
C ASN A 249 15.05 -33.22 -6.29
N ASP A 250 16.13 -32.59 -5.84
CA ASP A 250 16.02 -31.51 -4.86
C ASP A 250 15.55 -30.24 -5.55
N MET A 251 15.93 -30.08 -6.81
CA MET A 251 15.54 -28.90 -7.57
C MET A 251 14.04 -28.87 -7.81
N ALA A 252 13.43 -30.05 -7.86
CA ALA A 252 11.99 -30.15 -8.08
C ALA A 252 11.22 -29.80 -6.81
N LEU A 253 11.79 -30.13 -5.66
CA LEU A 253 11.16 -29.79 -4.39
C LEU A 253 11.25 -28.30 -4.13
N ILE A 254 12.45 -27.74 -4.33
CA ILE A 254 12.66 -26.31 -4.18
C ILE A 254 11.75 -25.51 -5.13
N LYS A 255 11.73 -25.91 -6.40
CA LYS A 255 10.90 -25.24 -7.40
C LYS A 255 9.43 -25.27 -7.04
N GLU A 256 8.98 -26.39 -6.49
CA GLU A 256 7.59 -26.59 -6.13
C GLU A 256 7.18 -25.75 -4.92
N VAL A 257 7.97 -25.85 -3.86
CA VAL A 257 7.65 -25.17 -2.61
C VAL A 257 7.84 -23.65 -2.71
N LEU A 258 8.95 -23.23 -3.31
CA LEU A 258 9.21 -21.80 -3.48
C LEU A 258 8.20 -21.18 -4.45
N GLY A 259 7.80 -21.96 -5.44
CA GLY A 259 6.79 -21.52 -6.39
C GLY A 259 5.50 -21.07 -5.72
N LYS A 260 5.17 -21.72 -4.59
CA LYS A 260 3.98 -21.40 -3.81
C LYS A 260 4.05 -19.99 -3.22
N ILE A 261 5.26 -19.47 -3.07
CA ILE A 261 5.47 -18.16 -2.44
C ILE A 261 5.15 -16.99 -3.37
N ASN A 262 5.40 -17.17 -4.66
CA ASN A 262 5.25 -16.09 -5.64
C ASN A 262 3.84 -15.50 -5.71
N GLY A 263 3.75 -14.18 -5.50
CA GLY A 263 2.50 -13.46 -5.65
C GLY A 263 1.59 -13.49 -4.43
N LYS A 264 2.12 -13.97 -3.32
CA LYS A 264 1.32 -14.11 -2.10
C LYS A 264 1.53 -12.94 -1.13
N TYR A 265 0.83 -12.99 0.00
CA TYR A 265 0.90 -11.94 1.00
C TYR A 265 1.37 -12.49 2.34
N LEU A 266 2.43 -11.91 2.88
CA LEU A 266 3.00 -12.35 4.14
C LEU A 266 3.04 -11.23 5.17
N GLN A 267 3.19 -11.61 6.44
CA GLN A 267 3.28 -10.62 7.51
C GLN A 267 4.66 -10.67 8.16
N ILE A 268 5.32 -9.51 8.22
CA ILE A 268 6.67 -9.43 8.74
C ILE A 268 6.77 -8.40 9.87
N GLY A 269 7.24 -8.83 11.03
CA GLY A 269 7.52 -7.90 12.11
C GLY A 269 6.38 -7.72 13.10
N GLY A 270 6.45 -6.66 13.88
CA GLY A 270 5.51 -6.41 14.95
C GLY A 270 4.22 -5.74 14.53
N ASN A 271 3.24 -5.75 15.43
CA ASN A 271 1.95 -5.10 15.25
C ASN A 271 1.11 -5.69 14.12
N GLU A 272 0.97 -7.01 14.13
CA GLU A 272 0.12 -7.70 13.16
C GLU A 272 -1.35 -7.36 13.39
N THR A 273 -1.70 -7.17 14.66
CA THR A 273 -3.10 -7.02 15.05
C THR A 273 -3.70 -5.69 14.61
N VAL A 274 -2.85 -4.71 14.30
CA VAL A 274 -3.33 -3.41 13.85
C VAL A 274 -2.92 -3.10 12.41
N GLY A 275 -2.75 -4.16 11.62
CA GLY A 275 -2.54 -4.01 10.19
C GLY A 275 -1.18 -3.47 9.79
N LYS A 276 -0.14 -3.93 10.48
CA LYS A 276 1.22 -3.51 10.15
C LYS A 276 2.08 -4.69 9.73
N GLY A 277 2.99 -4.44 8.79
CA GLY A 277 3.95 -5.45 8.37
C GLY A 277 3.43 -6.42 7.35
N PHE A 278 2.38 -6.05 6.62
CA PHE A 278 1.87 -6.88 5.54
C PHE A 278 2.62 -6.55 4.26
N VAL A 279 3.22 -7.58 3.66
CA VAL A 279 4.09 -7.38 2.51
C VAL A 279 3.64 -8.27 1.36
N LYS A 280 3.88 -7.84 0.13
CA LYS A 280 3.61 -8.69 -1.03
C LYS A 280 4.90 -9.27 -1.56
N VAL A 281 4.96 -10.59 -1.71
CA VAL A 281 6.19 -11.24 -2.13
C VAL A 281 6.15 -11.68 -3.60
N THR A 282 7.26 -11.46 -4.30
CA THR A 282 7.45 -12.02 -5.63
C THR A 282 8.60 -13.01 -5.57
N LEU A 283 8.58 -14.01 -6.43
CA LEU A 283 9.65 -15.00 -6.45
C LEU A 283 9.85 -15.55 -7.84
N LYS A 284 11.07 -15.40 -8.35
CA LYS A 284 11.40 -15.79 -9.72
C LYS A 284 12.74 -16.50 -9.78
N GLU A 285 12.87 -17.46 -10.70
CA GLU A 285 14.15 -18.12 -10.93
C GLU A 285 15.07 -17.18 -11.71
N VAL A 286 16.26 -17.67 -12.05
CA VAL A 286 17.21 -16.89 -12.83
C VAL A 286 17.74 -17.69 -14.01
N LYS B 2 -9.28 -15.19 5.30
CA LYS B 2 -10.58 -14.55 5.49
C LYS B 2 -10.41 -13.07 5.81
N ALA B 3 -11.26 -12.24 5.19
CA ALA B 3 -11.12 -10.79 5.31
C ALA B 3 -12.47 -10.09 5.40
N TYR B 4 -12.50 -8.96 6.10
CA TYR B 4 -13.69 -8.14 6.22
C TYR B 4 -13.41 -6.73 5.73
N LEU B 5 -14.38 -6.14 5.04
CA LEU B 5 -14.22 -4.80 4.50
C LEU B 5 -14.96 -3.76 5.33
N VAL B 6 -14.21 -2.83 5.93
CA VAL B 6 -14.81 -1.77 6.72
C VAL B 6 -14.91 -0.46 5.94
N GLY B 7 -16.10 0.11 5.91
CA GLY B 7 -16.30 1.42 5.33
C GLY B 7 -16.56 2.44 6.42
N LEU B 8 -15.94 3.61 6.30
CA LEU B 8 -16.16 4.68 7.27
C LEU B 8 -16.61 5.95 6.57
N TYR B 9 -17.89 6.27 6.70
CA TYR B 9 -18.46 7.45 6.08
C TYR B 9 -18.72 8.50 7.15
N THR B 10 -18.00 9.62 7.09
CA THR B 10 -18.12 10.67 8.09
C THR B 10 -19.42 11.45 7.93
N LEU B 11 -20.13 11.61 9.04
CA LEU B 11 -21.41 12.31 9.05
C LEU B 11 -21.23 13.73 9.55
N THR B 12 -20.13 13.95 10.25
CA THR B 12 -19.77 15.26 10.79
C THR B 12 -18.27 15.46 10.60
N PRO B 13 -17.80 16.72 10.62
CA PRO B 13 -16.35 16.96 10.52
C PRO B 13 -15.55 16.13 11.53
N THR B 14 -14.58 15.38 11.04
CA THR B 14 -13.88 14.40 11.87
C THR B 14 -12.39 14.75 12.03
N HIS B 15 -11.91 14.69 13.26
CA HIS B 15 -10.49 14.89 13.54
C HIS B 15 -9.90 13.67 14.25
N PRO B 16 -9.27 12.78 13.49
CA PRO B 16 -8.62 11.58 14.04
C PRO B 16 -7.47 11.92 14.99
N PRO B 28 -3.26 19.24 14.30
CA PRO B 28 -2.37 18.24 13.68
C PRO B 28 -3.11 16.97 13.28
N ILE B 29 -3.39 16.81 12.00
CA ILE B 29 -4.14 15.63 11.54
C ILE B 29 -3.18 14.47 11.26
N GLN B 30 -3.71 13.25 11.33
CA GLN B 30 -2.91 12.05 11.07
C GLN B 30 -2.76 11.81 9.56
N ARG B 31 -1.56 12.00 9.05
CA ARG B 31 -1.33 11.88 7.61
C ARG B 31 -0.21 10.89 7.25
N GLU B 32 -0.37 10.23 6.11
CA GLU B 32 0.65 9.33 5.57
C GLU B 32 1.83 10.17 5.08
N ARG B 33 3.04 9.79 5.49
CA ARG B 33 4.21 10.64 5.25
C ARG B 33 4.52 10.92 3.78
N HIS B 34 4.55 9.89 2.94
CA HIS B 34 5.07 10.08 1.58
C HIS B 34 3.98 10.52 0.60
N THR B 35 2.72 10.50 1.03
CA THR B 35 1.65 11.00 0.19
C THR B 35 1.10 12.33 0.73
N GLY B 36 0.88 12.38 2.04
CA GLY B 36 0.23 13.53 2.64
C GLY B 36 -1.27 13.32 2.75
N PHE B 37 -1.73 12.13 2.36
CA PHE B 37 -3.13 11.79 2.48
C PHE B 37 -3.53 11.59 3.93
N PRO B 38 -4.73 12.08 4.31
CA PRO B 38 -5.25 11.82 5.65
C PRO B 38 -5.50 10.33 5.86
N VAL B 39 -5.32 9.87 7.09
CA VAL B 39 -5.47 8.45 7.38
C VAL B 39 -5.90 8.23 8.82
N ILE B 40 -6.70 7.20 9.06
CA ILE B 40 -7.05 6.78 10.40
C ILE B 40 -6.25 5.55 10.77
N TRP B 41 -5.36 5.70 11.74
CA TRP B 41 -4.46 4.61 12.13
C TRP B 41 -5.22 3.41 12.67
N GLY B 42 -4.76 2.22 12.29
CA GLY B 42 -5.38 0.97 12.67
C GLY B 42 -5.51 0.83 14.18
N GLN B 43 -4.52 1.36 14.90
CA GLN B 43 -4.54 1.36 16.35
C GLN B 43 -5.77 2.09 16.90
N SER B 44 -6.04 3.27 16.33
CA SER B 44 -7.18 4.07 16.73
C SER B 44 -8.52 3.41 16.39
N LEU B 45 -8.65 2.94 15.15
CA LEU B 45 -9.88 2.33 14.67
C LEU B 45 -10.25 1.09 15.49
N LYS B 46 -9.25 0.26 15.77
CA LYS B 46 -9.43 -0.94 16.58
C LYS B 46 -9.99 -0.59 17.96
N GLY B 47 -9.49 0.51 18.53
CA GLY B 47 -9.94 1.00 19.82
C GLY B 47 -11.42 1.35 19.85
N VAL B 48 -11.88 2.10 18.86
CA VAL B 48 -13.27 2.56 18.85
C VAL B 48 -14.22 1.39 18.53
N LEU B 49 -13.77 0.45 17.70
CA LEU B 49 -14.53 -0.77 17.44
C LEU B 49 -14.71 -1.56 18.73
N ARG B 50 -13.61 -1.70 19.48
CA ARG B 50 -13.64 -2.39 20.76
C ARG B 50 -14.62 -1.73 21.73
N SER B 51 -14.53 -0.42 21.85
CA SER B 51 -15.38 0.33 22.78
C SER B 51 -16.86 0.27 22.41
N TYR B 52 -17.16 0.26 21.11
CA TYR B 52 -18.54 0.25 20.66
C TYR B 52 -19.26 -1.06 20.98
N LEU B 53 -18.55 -2.18 20.81
CA LEU B 53 -19.12 -3.49 21.09
C LEU B 53 -19.30 -3.74 22.59
N LYS B 54 -18.45 -3.11 23.39
CA LYS B 54 -18.49 -3.29 24.83
C LYS B 54 -19.58 -2.43 25.47
N LEU B 55 -19.78 -1.24 24.90
CA LEU B 55 -20.70 -0.26 25.48
C LEU B 55 -22.09 -0.29 24.87
N VAL B 56 -22.16 -0.39 23.55
CA VAL B 56 -23.44 -0.23 22.85
C VAL B 56 -24.09 -1.56 22.46
N GLU B 57 -23.33 -2.42 21.79
CA GLU B 57 -23.87 -3.69 21.32
C GLU B 57 -23.92 -4.76 22.41
N LYS B 58 -23.33 -4.45 23.55
CA LYS B 58 -23.35 -5.35 24.71
C LYS B 58 -22.82 -6.75 24.39
N VAL B 59 -21.58 -6.81 23.92
CA VAL B 59 -20.91 -8.08 23.68
C VAL B 59 -20.13 -8.44 24.94
N ASP B 60 -20.26 -9.71 25.36
CA ASP B 60 -19.59 -10.19 26.57
C ASP B 60 -18.09 -9.90 26.51
N GLU B 61 -17.54 -9.44 27.63
CA GLU B 61 -16.13 -9.05 27.70
C GLU B 61 -15.18 -10.24 27.58
N GLU B 62 -15.73 -11.42 27.31
CA GLU B 62 -14.94 -12.62 27.11
C GLU B 62 -14.76 -12.85 25.61
N LYS B 63 -15.81 -12.54 24.86
CA LYS B 63 -15.78 -12.65 23.40
C LYS B 63 -14.87 -11.59 22.80
N ILE B 64 -14.90 -10.40 23.40
CA ILE B 64 -14.12 -9.26 22.91
C ILE B 64 -12.62 -9.52 23.05
N ASN B 65 -12.22 -10.03 24.22
CA ASN B 65 -10.82 -10.36 24.49
C ASN B 65 -10.30 -11.42 23.53
N LYS B 66 -11.16 -12.40 23.26
CA LYS B 66 -10.83 -13.52 22.39
C LYS B 66 -10.61 -13.06 20.94
N ILE B 67 -11.11 -11.88 20.61
CA ILE B 67 -11.06 -11.38 19.24
C ILE B 67 -10.05 -10.23 19.06
N PHE B 68 -10.00 -9.33 20.04
CA PHE B 68 -9.13 -8.17 19.96
C PHE B 68 -7.85 -8.33 20.79
N GLY B 69 -8.00 -8.83 22.02
CA GLY B 69 -6.85 -9.06 22.88
C GLY B 69 -6.97 -8.37 24.23
N GLY B 80 -4.06 -11.75 19.61
CA GLY B 80 -5.37 -11.43 19.05
C GLY B 80 -5.86 -12.50 18.09
N LEU B 81 -6.94 -12.20 17.37
CA LEU B 81 -7.51 -13.13 16.41
C LEU B 81 -7.72 -12.46 15.05
N ILE B 82 -7.78 -11.13 15.05
CA ILE B 82 -7.97 -10.38 13.82
C ILE B 82 -6.97 -9.23 13.69
N SER B 83 -6.92 -8.63 12.50
CA SER B 83 -6.04 -7.50 12.25
C SER B 83 -6.82 -6.31 11.71
N VAL B 84 -6.75 -5.18 12.41
CA VAL B 84 -7.45 -3.97 11.98
C VAL B 84 -6.51 -2.98 11.33
N GLY B 85 -6.51 -2.93 10.00
CA GLY B 85 -5.57 -2.10 9.27
C GLY B 85 -5.94 -0.63 9.34
N ASP B 86 -4.98 0.23 9.06
CA ASP B 86 -5.23 1.67 9.00
C ASP B 86 -6.28 1.97 7.94
N ALA B 87 -7.14 2.93 8.22
CA ALA B 87 -8.20 3.33 7.30
C ALA B 87 -7.72 4.38 6.30
N LYS B 88 -7.61 3.98 5.04
CA LYS B 88 -7.19 4.87 3.97
C LYS B 88 -8.38 5.67 3.45
N ILE B 89 -8.11 6.67 2.61
CA ILE B 89 -9.17 7.52 2.08
C ILE B 89 -9.52 7.09 0.65
N LEU B 90 -10.82 6.96 0.38
CA LEU B 90 -11.28 6.52 -0.93
C LEU B 90 -11.95 7.65 -1.71
N PHE B 91 -12.91 8.32 -1.07
CA PHE B 91 -13.58 9.45 -1.70
C PHE B 91 -13.55 10.67 -0.80
N PHE B 92 -13.22 11.82 -1.38
CA PHE B 92 -13.13 13.07 -0.65
C PHE B 92 -14.07 14.11 -1.26
N PRO B 93 -14.99 14.65 -0.44
CA PRO B 93 -15.97 15.62 -0.93
C PRO B 93 -15.34 16.97 -1.25
N VAL B 94 -15.63 17.49 -2.44
CA VAL B 94 -15.09 18.77 -2.87
C VAL B 94 -16.17 19.63 -3.51
N ARG B 95 -16.18 20.91 -3.19
CA ARG B 95 -17.14 21.86 -3.75
C ARG B 95 -17.12 21.86 -5.28
N SER B 96 -18.30 21.69 -5.88
CA SER B 96 -18.43 21.63 -7.34
C SER B 96 -19.42 22.67 -7.85
N LEU B 97 -19.15 23.22 -9.03
CA LEU B 97 -20.02 24.22 -9.64
C LEU B 97 -21.37 23.61 -10.00
N LYS B 98 -21.35 22.45 -10.65
CA LYS B 98 -22.58 21.74 -10.98
C LYS B 98 -22.71 20.50 -10.09
N GLY B 99 -23.83 20.42 -9.37
CA GLY B 99 -24.05 19.28 -8.49
C GLY B 99 -23.73 19.60 -7.04
N VAL B 100 -23.40 20.86 -6.78
CA VAL B 100 -23.05 21.37 -5.44
C VAL B 100 -21.74 20.79 -4.91
N TYR B 101 -21.62 19.48 -4.91
CA TYR B 101 -20.36 18.84 -4.52
C TYR B 101 -20.18 17.50 -5.22
N ALA B 102 -18.92 17.10 -5.39
CA ALA B 102 -18.58 15.83 -6.01
C ALA B 102 -17.70 15.00 -5.10
N TYR B 103 -17.82 13.67 -5.21
CA TYR B 103 -16.89 12.78 -4.53
C TYR B 103 -15.69 12.53 -5.42
N VAL B 104 -14.55 13.11 -5.08
CA VAL B 104 -13.37 12.99 -5.93
C VAL B 104 -12.42 11.91 -5.42
N THR B 105 -11.73 11.28 -6.37
CA THR B 105 -10.73 10.26 -6.07
C THR B 105 -9.64 10.36 -7.13
N SER B 106 -8.70 9.42 -7.13
CA SER B 106 -7.62 9.47 -8.08
C SER B 106 -7.15 8.07 -8.45
N PRO B 107 -6.45 7.93 -9.60
CA PRO B 107 -5.85 6.66 -10.01
C PRO B 107 -5.04 6.00 -8.89
N LEU B 108 -4.15 6.76 -8.27
CA LEU B 108 -3.37 6.27 -7.13
C LEU B 108 -4.26 5.69 -6.04
N VAL B 109 -5.21 6.48 -5.58
CA VAL B 109 -6.15 6.05 -4.55
C VAL B 109 -6.93 4.81 -4.96
N LEU B 110 -7.49 4.82 -6.18
CA LEU B 110 -8.26 3.70 -6.69
C LEU B 110 -7.40 2.44 -6.85
N ASN B 111 -6.17 2.60 -7.31
CA ASN B 111 -5.25 1.47 -7.45
C ASN B 111 -4.92 0.83 -6.11
N ARG B 112 -4.73 1.66 -5.10
CA ARG B 112 -4.50 1.20 -3.74
C ARG B 112 -5.71 0.40 -3.23
N PHE B 113 -6.89 0.85 -3.62
CA PHE B 113 -8.13 0.19 -3.24
C PHE B 113 -8.22 -1.20 -3.89
N LYS B 114 -7.87 -1.27 -5.18
CA LYS B 114 -7.88 -2.54 -5.91
C LYS B 114 -6.86 -3.53 -5.34
N ARG B 115 -5.68 -3.02 -4.99
CA ARG B 115 -4.61 -3.86 -4.46
C ARG B 115 -4.91 -4.35 -3.04
N ASP B 116 -5.64 -3.53 -2.28
CA ASP B 116 -6.02 -3.92 -0.92
C ASP B 116 -7.13 -4.96 -0.99
N LEU B 117 -7.93 -4.92 -2.05
CA LEU B 117 -8.94 -5.94 -2.28
C LEU B 117 -8.30 -7.27 -2.64
N GLU B 118 -7.22 -7.21 -3.40
CA GLU B 118 -6.43 -8.39 -3.75
C GLU B 118 -5.90 -9.06 -2.48
N LEU B 119 -5.32 -8.25 -1.60
CA LEU B 119 -4.81 -8.71 -0.31
C LEU B 119 -5.93 -9.36 0.53
N ALA B 120 -7.16 -8.95 0.26
CA ALA B 120 -8.31 -9.46 1.01
C ALA B 120 -8.95 -10.65 0.31
N GLY B 121 -8.39 -11.05 -0.83
CA GLY B 121 -8.90 -12.20 -1.55
C GLY B 121 -9.64 -11.84 -2.82
N VAL B 122 -10.37 -10.73 -2.78
CA VAL B 122 -11.15 -10.26 -3.94
C VAL B 122 -10.27 -10.00 -5.15
N THR B 127 -10.09 -4.38 -12.70
CA THR B 127 -10.47 -3.32 -13.64
C THR B 127 -9.33 -2.33 -13.85
N GLU B 128 -9.10 -1.97 -15.11
CA GLU B 128 -8.02 -1.06 -15.47
C GLU B 128 -8.43 0.41 -15.37
N ILE B 129 -7.67 1.18 -14.58
CA ILE B 129 -7.92 2.60 -14.44
C ILE B 129 -6.72 3.41 -14.91
N PRO B 130 -6.91 4.23 -15.97
CA PRO B 130 -5.84 4.96 -16.66
C PRO B 130 -5.17 6.03 -15.81
N GLU B 131 -4.03 6.52 -16.26
CA GLU B 131 -3.34 7.62 -15.59
C GLU B 131 -3.77 8.98 -16.12
N LEU B 132 -4.22 9.83 -15.21
CA LEU B 132 -4.67 11.17 -15.55
C LEU B 132 -3.58 12.19 -15.21
N THR B 133 -3.38 13.15 -16.11
CA THR B 133 -2.33 14.15 -15.94
C THR B 133 -2.97 15.52 -15.75
N ASP B 134 -3.72 15.95 -16.76
CA ASP B 134 -4.42 17.23 -16.73
C ASP B 134 -5.88 17.05 -17.11
N THR B 135 -6.35 15.81 -17.11
CA THR B 135 -7.74 15.52 -17.44
C THR B 135 -8.43 14.73 -16.33
N ALA B 136 -9.75 14.60 -16.43
CA ALA B 136 -10.52 13.92 -15.40
C ALA B 136 -11.64 13.05 -15.98
N ILE B 137 -12.11 12.09 -15.20
CA ILE B 137 -13.27 11.29 -15.58
C ILE B 137 -14.38 11.49 -14.55
N ALA B 138 -15.48 12.10 -14.97
CA ALA B 138 -16.53 12.47 -14.03
C ALA B 138 -17.93 12.16 -14.55
N SER B 139 -18.88 12.07 -13.63
CA SER B 139 -20.27 11.85 -13.98
C SER B 139 -20.83 13.06 -14.73
N GLU B 140 -21.85 12.83 -15.55
CA GLU B 140 -22.40 13.90 -16.38
C GLU B 140 -23.30 14.84 -15.59
N GLU B 141 -23.43 14.59 -14.29
CA GLU B 141 -24.25 15.42 -13.42
C GLU B 141 -23.42 16.52 -12.76
N ILE B 142 -22.09 16.41 -12.87
CA ILE B 142 -21.19 17.42 -12.32
C ILE B 142 -20.35 18.05 -13.41
N THR B 143 -20.50 17.54 -14.63
CA THR B 143 -19.78 18.07 -15.79
C THR B 143 -20.55 19.22 -16.46
N VAL B 144 -19.85 20.31 -16.73
CA VAL B 144 -20.45 21.45 -17.42
C VAL B 144 -19.52 21.94 -18.53
N ASP B 145 -19.98 21.82 -19.77
CA ASP B 145 -19.22 22.19 -20.96
C ASP B 145 -17.86 21.48 -20.99
N ASN B 146 -17.89 20.16 -20.89
CA ASN B 146 -16.69 19.32 -20.92
C ASN B 146 -15.68 19.68 -19.84
N LYS B 147 -16.17 20.27 -18.74
CA LYS B 147 -15.32 20.61 -17.61
C LYS B 147 -15.98 20.27 -16.29
N VAL B 148 -15.17 19.88 -15.31
CA VAL B 148 -15.64 19.78 -13.94
C VAL B 148 -14.95 20.87 -13.12
N ILE B 149 -15.75 21.66 -12.40
CA ILE B 149 -15.21 22.79 -11.67
C ILE B 149 -15.16 22.50 -10.17
N LEU B 150 -14.00 22.07 -9.70
CA LEU B 150 -13.81 21.75 -8.29
C LEU B 150 -13.15 22.91 -7.56
N GLU B 151 -13.86 23.47 -6.58
CA GLU B 151 -13.42 24.69 -5.90
C GLU B 151 -13.16 25.77 -6.94
N GLU B 152 -11.89 25.93 -7.29
CA GLU B 152 -11.50 26.87 -8.33
C GLU B 152 -10.86 26.15 -9.52
N PHE B 153 -10.29 24.97 -9.27
CA PHE B 153 -9.76 24.12 -10.33
C PHE B 153 -10.80 23.87 -11.42
N ALA B 154 -10.39 24.05 -12.68
CA ALA B 154 -11.23 23.75 -13.82
C ALA B 154 -10.59 22.68 -14.69
N ILE B 155 -10.94 21.42 -14.44
CA ILE B 155 -10.32 20.28 -15.09
C ILE B 155 -11.12 19.74 -16.28
N LEU B 156 -10.44 19.58 -17.42
CA LEU B 156 -11.06 19.00 -18.61
C LEU B 156 -11.40 17.53 -18.44
N ILE B 157 -12.60 17.16 -18.85
CA ILE B 157 -13.01 15.77 -18.77
C ILE B 157 -12.69 15.08 -20.09
N GLN B 158 -12.46 13.78 -20.04
CA GLN B 158 -12.28 12.98 -21.25
C GLN B 158 -13.37 11.93 -21.24
N LYS B 159 -13.88 11.59 -22.42
CA LYS B 159 -14.97 10.62 -22.54
C LYS B 159 -14.69 9.34 -21.77
N ASP B 160 -15.69 8.86 -21.05
CA ASP B 160 -15.56 7.65 -20.25
C ASP B 160 -15.77 6.42 -21.12
N ASP B 161 -14.70 5.93 -21.72
CA ASP B 161 -14.77 4.72 -22.52
C ASP B 161 -14.35 3.53 -21.68
N LYS B 162 -14.83 2.35 -22.08
CA LYS B 162 -14.60 1.10 -21.35
C LYS B 162 -15.22 1.16 -19.96
N GLY B 163 -16.26 1.98 -19.81
CA GLY B 163 -17.05 2.07 -18.59
C GLY B 163 -16.32 2.08 -17.26
N ILE B 164 -15.49 3.09 -17.03
CA ILE B 164 -14.72 3.19 -15.79
C ILE B 164 -15.61 3.54 -14.61
N LEU B 165 -16.43 4.58 -14.78
CA LEU B 165 -17.30 5.06 -13.72
C LEU B 165 -18.30 3.99 -13.29
N GLU B 166 -18.90 3.32 -14.26
CA GLU B 166 -19.89 2.28 -13.97
C GLU B 166 -19.24 1.10 -13.26
N SER B 167 -17.93 0.94 -13.47
CA SER B 167 -17.19 -0.14 -12.84
C SER B 167 -16.80 0.20 -11.41
N VAL B 168 -16.51 1.47 -11.16
CA VAL B 168 -16.21 1.94 -9.81
C VAL B 168 -17.44 1.86 -8.93
N VAL B 169 -18.59 2.27 -9.47
CA VAL B 169 -19.84 2.21 -8.74
C VAL B 169 -20.20 0.79 -8.34
N LYS B 170 -20.02 -0.16 -9.25
CA LYS B 170 -20.27 -1.57 -8.96
C LYS B 170 -19.37 -2.06 -7.82
N ALA B 171 -18.10 -1.65 -7.87
CA ALA B 171 -17.15 -2.02 -6.84
C ALA B 171 -17.55 -1.45 -5.48
N ILE B 172 -18.03 -0.20 -5.48
CA ILE B 172 -18.50 0.43 -4.26
C ILE B 172 -19.69 -0.32 -3.68
N GLU B 173 -20.58 -0.76 -4.56
CA GLU B 173 -21.75 -1.54 -4.16
C GLU B 173 -21.34 -2.84 -3.47
N GLN B 174 -20.45 -3.58 -4.12
CA GLN B 174 -19.93 -4.84 -3.56
C GLN B 174 -19.25 -4.60 -2.22
N ALA B 175 -18.44 -3.55 -2.14
CA ALA B 175 -17.58 -3.31 -0.99
C ALA B 175 -18.32 -2.70 0.20
N PHE B 176 -19.28 -1.81 -0.06
CA PHE B 176 -19.91 -1.06 1.01
C PHE B 176 -21.43 -1.18 1.05
N GLY B 177 -22.02 -1.70 -0.02
CA GLY B 177 -23.47 -1.86 -0.05
C GLY B 177 -24.15 -0.94 -1.05
N ASN B 178 -25.41 -1.25 -1.35
CA ASN B 178 -26.17 -0.49 -2.32
C ASN B 178 -26.42 0.95 -1.88
N GLU B 179 -26.54 1.16 -0.58
CA GLU B 179 -26.83 2.49 -0.04
C GLU B 179 -25.68 3.45 -0.29
N MET B 180 -24.46 2.98 -0.10
CA MET B 180 -23.28 3.81 -0.29
C MET B 180 -23.08 4.13 -1.77
N ALA B 181 -23.41 3.19 -2.63
CA ALA B 181 -23.26 3.37 -4.07
C ALA B 181 -24.19 4.43 -4.62
N GLU B 182 -25.39 4.54 -4.06
CA GLU B 182 -26.37 5.52 -4.53
C GLU B 182 -25.95 6.94 -4.18
N LYS B 183 -25.39 7.12 -2.99
CA LYS B 183 -24.89 8.42 -2.56
C LYS B 183 -23.84 8.96 -3.52
N ILE B 184 -22.91 8.09 -3.88
CA ILE B 184 -21.74 8.48 -4.66
C ILE B 184 -22.04 8.55 -6.16
N LYS B 185 -22.84 7.61 -6.66
CA LYS B 185 -23.22 7.60 -8.08
C LYS B 185 -23.84 8.92 -8.51
N GLY B 186 -23.35 9.47 -9.62
CA GLY B 186 -23.82 10.73 -10.13
C GLY B 186 -22.94 11.90 -9.73
N ARG B 187 -22.08 11.68 -8.74
CA ARG B 187 -21.21 12.73 -8.24
C ARG B 187 -19.74 12.32 -8.22
N ILE B 188 -19.37 11.30 -8.97
CA ILE B 188 -17.99 10.82 -8.98
C ILE B 188 -17.13 11.62 -9.93
N ALA B 189 -15.90 11.87 -9.52
CA ALA B 189 -14.91 12.50 -10.39
C ALA B 189 -13.53 11.93 -10.09
N ILE B 190 -12.96 11.24 -11.07
CA ILE B 190 -11.60 10.75 -10.93
C ILE B 190 -10.67 11.81 -11.50
N ILE B 191 -9.85 12.39 -10.63
CA ILE B 191 -9.02 13.52 -11.02
C ILE B 191 -7.54 13.17 -10.87
N PRO B 192 -6.64 13.98 -11.47
CA PRO B 192 -5.20 13.71 -11.35
C PRO B 192 -4.72 13.59 -9.91
N ASP B 193 -3.74 12.72 -9.69
CA ASP B 193 -3.20 12.45 -8.36
C ASP B 193 -2.73 13.72 -7.65
N ASP B 194 -2.08 14.59 -8.41
CA ASP B 194 -1.53 15.83 -7.87
C ASP B 194 -2.62 16.81 -7.42
N VAL B 195 -3.72 16.85 -8.15
CA VAL B 195 -4.84 17.73 -7.80
C VAL B 195 -5.58 17.19 -6.58
N PHE B 196 -5.80 15.88 -6.56
CA PHE B 196 -6.42 15.22 -5.41
C PHE B 196 -5.63 15.49 -4.14
N ARG B 197 -4.31 15.38 -4.24
CA ARG B 197 -3.42 15.69 -3.13
C ARG B 197 -3.59 17.12 -2.65
N ASP B 198 -3.57 18.07 -3.58
CA ASP B 198 -3.74 19.48 -3.25
C ASP B 198 -5.07 19.75 -2.55
N LEU B 199 -6.13 19.16 -3.07
CA LEU B 199 -7.47 19.34 -2.50
C LEU B 199 -7.58 18.72 -1.11
N VAL B 200 -7.00 17.53 -0.96
CA VAL B 200 -7.12 16.79 0.28
C VAL B 200 -6.31 17.43 1.41
N GLU B 201 -5.33 18.25 1.04
CA GLU B 201 -4.50 18.94 2.03
C GLU B 201 -4.95 20.38 2.28
N LEU B 202 -5.56 21.01 1.27
CA LEU B 202 -5.92 22.42 1.35
C LEU B 202 -7.42 22.66 1.37
N SER B 203 -8.17 21.69 1.90
CA SER B 203 -9.62 21.85 2.08
C SER B 203 -10.03 21.31 3.44
N THR B 204 -9.72 22.07 4.49
CA THR B 204 -9.93 21.69 5.88
C THR B 204 -9.62 20.22 6.14
N GLU B 228 -7.08 20.21 9.89
CA GLU B 228 -8.04 20.63 10.90
C GLU B 228 -9.12 19.56 11.08
N TYR B 229 -10.09 19.54 10.17
CA TYR B 229 -11.16 18.55 10.19
C TYR B 229 -11.29 17.84 8.86
N ILE B 230 -11.43 16.51 8.90
CA ILE B 230 -11.86 15.80 7.70
C ILE B 230 -13.34 16.12 7.51
N PRO B 231 -13.71 16.64 6.32
CA PRO B 231 -15.09 17.03 6.06
C PRO B 231 -16.08 15.88 6.23
N SER B 232 -17.35 16.21 6.43
CA SER B 232 -18.40 15.23 6.35
C SER B 232 -18.47 14.71 4.92
N ASP B 233 -19.07 13.54 4.74
CA ASP B 233 -19.24 12.93 3.43
C ASP B 233 -17.90 12.47 2.86
N THR B 234 -17.00 12.06 3.75
CA THR B 234 -15.74 11.45 3.36
C THR B 234 -15.83 9.95 3.58
N LEU B 235 -15.35 9.17 2.62
CA LEU B 235 -15.43 7.72 2.71
C LEU B 235 -14.05 7.08 2.90
N PHE B 236 -13.83 6.50 4.07
CA PHE B 236 -12.62 5.72 4.32
C PHE B 236 -12.91 4.24 4.13
N TYR B 237 -11.85 3.46 3.95
CA TYR B 237 -12.00 2.01 3.94
C TYR B 237 -10.85 1.35 4.68
N SER B 238 -11.08 0.15 5.20
CA SER B 238 -10.06 -0.56 5.97
C SER B 238 -10.25 -2.07 5.92
N LEU B 239 -9.15 -2.81 5.91
CA LEU B 239 -9.21 -4.27 5.93
C LEU B 239 -9.22 -4.81 7.35
N ILE B 240 -10.11 -5.76 7.61
CA ILE B 240 -10.02 -6.56 8.83
C ILE B 240 -9.60 -7.97 8.42
N LEU B 241 -8.38 -8.34 8.75
CA LEU B 241 -7.84 -9.64 8.34
C LEU B 241 -7.84 -10.62 9.51
N VAL B 242 -8.30 -11.84 9.24
CA VAL B 242 -8.30 -12.89 10.24
C VAL B 242 -6.97 -13.64 10.20
N THR B 243 -6.29 -13.69 11.34
CA THR B 243 -5.00 -14.37 11.45
C THR B 243 -5.09 -15.84 11.05
N PRO B 244 -4.02 -16.35 10.42
CA PRO B 244 -3.96 -17.76 10.00
C PRO B 244 -4.05 -18.73 11.19
N ARG B 245 -3.69 -18.25 12.38
CA ARG B 245 -3.72 -19.08 13.59
C ARG B 245 -5.13 -19.32 14.10
N ALA B 246 -6.12 -18.77 13.41
CA ALA B 246 -7.51 -18.87 13.85
C ALA B 246 -8.07 -20.25 13.51
N LYS B 247 -8.84 -20.81 14.44
CA LYS B 247 -9.45 -22.12 14.25
C LYS B 247 -10.85 -21.98 13.66
N ASP B 248 -11.47 -23.11 13.31
CA ASP B 248 -12.80 -23.10 12.69
C ASP B 248 -13.88 -22.61 13.63
N ASN B 249 -13.69 -22.93 14.91
CA ASN B 249 -14.59 -22.53 15.98
C ASN B 249 -14.56 -21.03 16.21
N ASP B 250 -13.42 -20.42 15.87
CA ASP B 250 -13.22 -18.99 16.04
C ASP B 250 -13.88 -18.14 14.95
N MET B 251 -13.98 -18.70 13.75
CA MET B 251 -14.55 -17.97 12.61
C MET B 251 -16.04 -17.66 12.82
N ALA B 252 -16.70 -18.51 13.61
CA ALA B 252 -18.11 -18.31 13.93
C ALA B 252 -18.26 -17.18 14.94
N LEU B 253 -17.27 -17.03 15.81
CA LEU B 253 -17.27 -15.95 16.79
C LEU B 253 -17.03 -14.61 16.13
N ILE B 254 -16.02 -14.56 15.27
CA ILE B 254 -15.68 -13.35 14.53
C ILE B 254 -16.85 -12.87 13.66
N LYS B 255 -17.43 -13.78 12.89
CA LYS B 255 -18.55 -13.43 12.01
C LYS B 255 -19.72 -12.86 12.80
N GLU B 256 -19.96 -13.42 13.99
CA GLU B 256 -21.05 -13.01 14.83
C GLU B 256 -20.83 -11.62 15.44
N VAL B 257 -19.66 -11.42 16.04
CA VAL B 257 -19.34 -10.17 16.72
C VAL B 257 -19.10 -9.02 15.74
N LEU B 258 -18.32 -9.28 14.68
CA LEU B 258 -18.06 -8.24 13.67
C LEU B 258 -19.33 -7.89 12.90
N GLY B 259 -20.20 -8.87 12.70
CA GLY B 259 -21.47 -8.66 12.03
C GLY B 259 -22.31 -7.56 12.66
N LYS B 260 -22.19 -7.41 13.99
CA LYS B 260 -22.92 -6.39 14.73
C LYS B 260 -22.55 -4.97 14.32
N ILE B 261 -21.37 -4.80 13.74
CA ILE B 261 -20.85 -3.48 13.41
C ILE B 261 -21.50 -2.87 12.18
N ASN B 262 -21.91 -3.71 11.23
CA ASN B 262 -22.46 -3.26 9.97
C ASN B 262 -23.71 -2.37 10.09
N GLY B 263 -23.62 -1.17 9.53
CA GLY B 263 -24.75 -0.27 9.46
C GLY B 263 -24.97 0.57 10.71
N LYS B 264 -24.01 0.55 11.61
CA LYS B 264 -24.14 1.26 12.88
C LYS B 264 -23.42 2.61 12.86
N TYR B 265 -23.50 3.34 13.97
CA TYR B 265 -22.88 4.67 14.06
C TYR B 265 -21.86 4.74 15.19
N LEU B 266 -20.64 5.13 14.85
CA LEU B 266 -19.56 5.23 15.82
C LEU B 266 -18.98 6.64 15.89
N GLN B 267 -18.24 6.91 16.96
CA GLN B 267 -17.58 8.20 17.11
C GLN B 267 -16.06 8.01 17.10
N ILE B 268 -15.39 8.74 16.22
CA ILE B 268 -13.96 8.60 16.02
C ILE B 268 -13.25 9.94 16.17
N GLY B 269 -12.25 9.99 17.06
CA GLY B 269 -11.40 11.15 17.18
C GLY B 269 -11.87 12.15 18.23
N GLY B 270 -11.33 13.37 18.14
CA GLY B 270 -11.57 14.39 19.15
C GLY B 270 -12.85 15.17 18.96
N ASN B 271 -13.23 15.91 20.01
CA ASN B 271 -14.38 16.80 20.00
C ASN B 271 -15.72 16.07 19.84
N GLU B 272 -15.94 15.04 20.68
CA GLU B 272 -17.21 14.34 20.67
C GLU B 272 -18.34 15.21 21.19
N THR B 273 -18.01 16.09 22.12
CA THR B 273 -19.02 16.89 22.83
C THR B 273 -19.64 17.98 21.96
N VAL B 274 -18.97 18.35 20.88
CA VAL B 274 -19.50 19.38 19.98
C VAL B 274 -19.83 18.80 18.61
N GLY B 275 -20.17 17.52 18.59
CA GLY B 275 -20.68 16.88 17.40
C GLY B 275 -19.67 16.62 16.30
N LYS B 276 -18.47 16.18 16.68
CA LYS B 276 -17.44 15.88 15.70
C LYS B 276 -17.03 14.41 15.73
N GLY B 277 -16.73 13.86 14.56
CA GLY B 277 -16.21 12.51 14.47
C GLY B 277 -17.24 11.39 14.48
N PHE B 278 -18.48 11.70 14.15
CA PHE B 278 -19.52 10.67 14.04
C PHE B 278 -19.54 10.09 12.63
N VAL B 279 -19.36 8.77 12.53
CA VAL B 279 -19.26 8.10 11.24
C VAL B 279 -20.24 6.93 11.13
N LYS B 280 -20.63 6.61 9.91
CA LYS B 280 -21.45 5.42 9.67
C LYS B 280 -20.57 4.30 9.15
N VAL B 281 -20.63 3.14 9.81
CA VAL B 281 -19.76 2.03 9.46
C VAL B 281 -20.50 0.93 8.70
N THR B 282 -19.87 0.43 7.65
CA THR B 282 -20.33 -0.75 6.95
C THR B 282 -19.30 -1.86 7.11
N LEU B 283 -19.75 -3.10 7.05
CA LEU B 283 -18.83 -4.23 7.18
C LEU B 283 -19.34 -5.43 6.38
N LYS B 284 -18.52 -5.89 5.44
CA LYS B 284 -18.90 -6.98 4.54
C LYS B 284 -17.78 -8.01 4.40
N GLU B 285 -18.15 -9.27 4.26
CA GLU B 285 -17.15 -10.31 4.00
C GLU B 285 -16.70 -10.31 2.55
N VAL B 286 -15.85 -11.27 2.19
CA VAL B 286 -15.38 -11.43 0.83
C VAL B 286 -15.53 -12.87 0.37
#